data_2HVK
#
_entry.id   2HVK
#
_cell.length_a   155.874
_cell.length_b   155.874
_cell.length_c   76.159
_cell.angle_alpha   90.00
_cell.angle_beta   90.00
_cell.angle_gamma   90.00
#
_symmetry.space_group_name_H-M   'I 4'
#
loop_
_entity.id
_entity.type
_entity.pdbx_description
1 polymer 'Antibody Fab heavy chain'
2 polymer 'Antibody Fab light chain'
3 polymer 'Voltage-gated potassium channel'
4 non-polymer NONAN-1-OL
5 non-polymer 'POTASSIUM ION'
6 non-polymer '(2S)-3-HYDROXY-2-(NONANOYLOXY)PROPYL LAURATE'
7 non-polymer 'TETRABUTYLAMMONIUM ION'
8 water water
#
loop_
_entity_poly.entity_id
_entity_poly.type
_entity_poly.pdbx_seq_one_letter_code
_entity_poly.pdbx_strand_id
1 'polypeptide(L)'
;QVQLQQPGAELVKPGASVKLSCKASGYTFTSDWIHWVKQRPGHGLEWIGEIIPSYGRANYNEKIQKKATLTADKSSSTAF
MQLSSLTSEDSAVYYCARERGDGYFAVWGAGTTVTVSSAKTTPPSVYPLAPGSAAQTNSMVTLGCLVKGYFPEPVTVTWN
SGSLSSGVHTFPAVLQSDLYTLSSSVTVPSSSWPSETVTCNVAHPASSTKVDKKIVPRD
;
A
2 'polypeptide(L)'
;DILLTQSPAILSVSPGERVSFSCRASQSIGTDIHWYQQRTNGSPRLLIKYASESISGIPSRFSGSGSGTDFTLSINSVES
EDIANYYCQQSNRWPFTFGSGTKLEIKRADAAPTVSIFPPSSEQLTSGGASVVCFLNNFYPKDINVKWKIDGSERQNGVL
NSWTDQDSKDSTYSMSSTLTLTKDEYERHNSYTCEATHKTSTSPIVKSFNRN
;
B
3 'polypeptide(L)'
;MAPMLSGLLARLVKLLLGRHGSALHWRAAGAATVLLVIVLLAGSYLAVLAERGAPGAQLITYPRALWWSVETATTVGYGD
LYPVTLWGRCVAVVVMVAGITSFGLVTAALATWFVGREQERRGH
;
C
#
loop_
_chem_comp.id
_chem_comp.type
_chem_comp.name
_chem_comp.formula
F09 non-polymer NONAN-1-OL 'C9 H20 O'
K non-polymer 'POTASSIUM ION' 'K 1'
L2C non-polymer '(2S)-3-HYDROXY-2-(NONANOYLOXY)PROPYL LAURATE' 'C24 H46 O5'
TBA non-polymer 'TETRABUTYLAMMONIUM ION' 'C16 H36 N 1'
#
# COMPACT_ATOMS: atom_id res chain seq x y z
N GLN A 1 12.27 10.08 8.11
CA GLN A 1 11.18 9.72 9.06
C GLN A 1 9.84 9.50 8.35
N VAL A 2 8.95 8.75 8.98
CA VAL A 2 7.63 8.46 8.42
C VAL A 2 6.91 9.76 8.02
N GLN A 3 6.55 9.87 6.74
CA GLN A 3 5.87 11.08 6.27
C GLN A 3 4.38 11.13 6.59
N LEU A 4 3.71 9.97 6.56
CA LEU A 4 2.28 9.90 6.85
C LEU A 4 1.98 8.85 7.91
N GLN A 5 1.46 9.28 9.06
CA GLN A 5 1.15 8.37 10.17
C GLN A 5 -0.35 8.10 10.32
N GLN A 6 -0.73 6.84 10.23
CA GLN A 6 -2.13 6.45 10.37
C GLN A 6 -2.30 5.40 11.47
N PRO A 7 -3.42 5.44 12.19
CA PRO A 7 -3.68 4.47 13.26
C PRO A 7 -3.75 3.08 12.62
N GLY A 8 -3.34 2.06 13.36
CA GLY A 8 -3.35 0.72 12.82
C GLY A 8 -4.70 0.10 12.52
N ALA A 9 -5.68 0.36 13.38
CA ALA A 9 -6.99 -0.23 13.17
C ALA A 9 -8.13 0.51 13.86
N GLU A 10 -9.35 0.23 13.41
CA GLU A 10 -10.56 0.84 13.97
C GLU A 10 -11.69 -0.18 13.87
N LEU A 11 -12.35 -0.44 14.98
CA LEU A 11 -13.48 -1.37 15.01
C LEU A 11 -14.73 -0.50 15.02
N VAL A 12 -15.66 -0.78 14.11
CA VAL A 12 -16.89 0.01 14.03
C VAL A 12 -18.14 -0.87 13.94
N LYS A 13 -19.13 -0.54 14.75
CA LYS A 13 -20.38 -1.28 14.76
C LYS A 13 -21.21 -0.87 13.55
N PRO A 14 -21.84 -1.84 12.87
CA PRO A 14 -22.65 -1.51 11.69
C PRO A 14 -23.63 -0.37 11.96
N GLY A 15 -23.67 0.58 11.03
CA GLY A 15 -24.55 1.72 11.18
C GLY A 15 -23.84 2.93 11.77
N ALA A 16 -22.82 2.67 12.59
CA ALA A 16 -22.07 3.74 13.23
C ALA A 16 -21.07 4.35 12.24
N SER A 17 -20.31 5.34 12.72
CA SER A 17 -19.33 6.02 11.89
C SER A 17 -17.99 6.14 12.61
N VAL A 18 -16.94 6.45 11.86
CA VAL A 18 -15.61 6.60 12.44
C VAL A 18 -14.81 7.66 11.69
N LYS A 19 -13.85 8.26 12.37
CA LYS A 19 -13.03 9.30 11.79
C LYS A 19 -11.58 8.85 11.73
N LEU A 20 -11.07 8.60 10.53
CA LEU A 20 -9.69 8.17 10.36
C LEU A 20 -8.79 9.40 10.26
N SER A 21 -7.55 9.28 10.73
CA SER A 21 -6.62 10.39 10.69
C SER A 21 -5.33 10.03 9.97
N CYS A 22 -4.64 11.06 9.49
CA CYS A 22 -3.39 10.89 8.77
C CYS A 22 -2.52 12.10 9.09
N LYS A 23 -1.57 11.91 10.00
CA LYS A 23 -0.66 12.98 10.40
C LYS A 23 0.54 13.01 9.47
N ALA A 24 0.80 14.17 8.87
CA ALA A 24 1.90 14.32 7.93
C ALA A 24 3.07 15.13 8.45
N SER A 25 4.27 14.76 8.03
CA SER A 25 5.50 15.45 8.40
C SER A 25 6.33 15.64 7.14
N GLY A 26 7.56 16.11 7.29
CA GLY A 26 8.41 16.33 6.13
C GLY A 26 8.03 17.63 5.45
N TYR A 27 8.55 17.86 4.24
CA TYR A 27 8.22 19.09 3.52
C TYR A 27 6.73 19.19 3.20
N THR A 28 6.19 20.40 3.35
CA THR A 28 4.78 20.64 3.06
C THR A 28 4.66 21.88 2.18
N PHE A 29 3.85 21.79 1.13
CA PHE A 29 3.66 22.89 0.20
C PHE A 29 2.18 23.19 -0.02
N THR A 30 1.89 24.38 -0.51
CA THR A 30 0.50 24.78 -0.75
C THR A 30 -0.11 23.97 -1.89
N SER A 31 0.74 23.31 -2.67
CA SER A 31 0.29 22.50 -3.79
C SER A 31 0.05 21.04 -3.41
N ASP A 32 0.19 20.72 -2.12
CA ASP A 32 -0.01 19.35 -1.66
C ASP A 32 -1.46 18.90 -1.58
N TRP A 33 -1.73 17.69 -2.06
CA TRP A 33 -3.07 17.12 -1.97
C TRP A 33 -2.95 15.80 -1.20
N ILE A 34 -3.89 15.55 -0.30
CA ILE A 34 -3.90 14.30 0.46
C ILE A 34 -5.03 13.45 -0.10
N HIS A 35 -4.68 12.24 -0.53
CA HIS A 35 -5.65 11.31 -1.11
C HIS A 35 -5.93 10.15 -0.17
N TRP A 36 -7.10 9.54 -0.35
CA TRP A 36 -7.52 8.38 0.42
C TRP A 36 -7.86 7.29 -0.56
N VAL A 37 -7.32 6.09 -0.29
CA VAL A 37 -7.51 4.93 -1.14
C VAL A 37 -8.00 3.75 -0.32
N LYS A 38 -8.99 3.04 -0.85
CA LYS A 38 -9.57 1.89 -0.16
C LYS A 38 -9.15 0.59 -0.82
N GLN A 39 -8.83 -0.41 0.00
CA GLN A 39 -8.44 -1.71 -0.52
C GLN A 39 -9.03 -2.85 0.31
N ARG A 40 -9.94 -3.61 -0.32
CA ARG A 40 -10.57 -4.74 0.33
C ARG A 40 -9.55 -5.86 0.32
N PRO A 41 -9.60 -6.77 1.32
CA PRO A 41 -8.64 -7.87 1.35
C PRO A 41 -8.63 -8.68 0.06
N GLY A 42 -7.45 -8.90 -0.49
CA GLY A 42 -7.31 -9.65 -1.72
C GLY A 42 -7.72 -8.93 -3.00
N HIS A 43 -8.15 -7.67 -2.89
CA HIS A 43 -8.55 -6.92 -4.07
C HIS A 43 -7.66 -5.72 -4.38
N GLY A 44 -8.02 -4.97 -5.43
CA GLY A 44 -7.22 -3.83 -5.84
C GLY A 44 -7.40 -2.53 -5.07
N LEU A 45 -6.75 -1.49 -5.57
CA LEU A 45 -6.81 -0.15 -4.97
C LEU A 45 -7.95 0.66 -5.57
N GLU A 46 -8.75 1.28 -4.72
CA GLU A 46 -9.87 2.10 -5.17
C GLU A 46 -9.75 3.52 -4.62
N TRP A 47 -9.72 4.50 -5.51
CA TRP A 47 -9.59 5.89 -5.12
C TRP A 47 -10.89 6.39 -4.47
N ILE A 48 -10.78 6.99 -3.28
CA ILE A 48 -11.96 7.48 -2.57
C ILE A 48 -12.18 8.98 -2.78
N GLY A 49 -11.12 9.75 -2.62
CA GLY A 49 -11.22 11.20 -2.77
C GLY A 49 -9.93 11.90 -2.41
N GLU A 50 -9.96 13.22 -2.48
CA GLU A 50 -8.77 14.02 -2.22
C GLU A 50 -9.16 15.32 -1.56
N ILE A 51 -8.19 15.94 -0.89
CA ILE A 51 -8.41 17.23 -0.25
C ILE A 51 -7.11 18.02 -0.36
N ILE A 52 -7.24 19.34 -0.55
CA ILE A 52 -6.07 20.20 -0.61
C ILE A 52 -6.09 21.02 0.67
N PRO A 53 -5.21 20.68 1.63
CA PRO A 53 -5.12 21.38 2.91
C PRO A 53 -5.02 22.90 2.84
N SER A 54 -4.17 23.41 1.95
CA SER A 54 -3.97 24.85 1.81
C SER A 54 -5.24 25.62 1.48
N TYR A 55 -6.29 24.92 1.03
CA TYR A 55 -7.54 25.58 0.67
C TYR A 55 -8.78 24.94 1.32
N GLY A 56 -8.70 23.65 1.64
CA GLY A 56 -9.82 22.97 2.26
C GLY A 56 -10.83 22.33 1.32
N ARG A 57 -10.56 22.42 0.02
CA ARG A 57 -11.43 21.86 -1.00
C ARG A 57 -11.24 20.35 -1.12
N ALA A 58 -12.33 19.61 -1.22
CA ALA A 58 -12.27 18.15 -1.35
C ALA A 58 -13.15 17.64 -2.50
N ASN A 59 -12.65 16.63 -3.21
CA ASN A 59 -13.37 16.03 -4.33
C ASN A 59 -13.49 14.53 -4.05
N TYR A 60 -14.54 13.91 -4.56
CA TYR A 60 -14.79 12.49 -4.32
C TYR A 60 -15.09 11.66 -5.56
N ASN A 61 -14.81 10.36 -5.47
CA ASN A 61 -15.04 9.41 -6.55
C ASN A 61 -16.55 9.39 -6.81
N GLU A 62 -16.99 9.74 -8.02
CA GLU A 62 -18.43 9.76 -8.31
C GLU A 62 -19.02 8.39 -8.58
N LYS A 63 -18.18 7.41 -8.91
CA LYS A 63 -18.67 6.07 -9.22
C LYS A 63 -19.15 5.25 -8.03
N ILE A 64 -18.74 5.63 -6.82
CA ILE A 64 -19.14 4.87 -5.63
C ILE A 64 -20.02 5.64 -4.67
N GLN A 65 -20.71 4.92 -3.79
CA GLN A 65 -21.57 5.54 -2.78
C GLN A 65 -20.67 6.39 -1.90
N LYS A 66 -21.06 7.65 -1.67
CA LYS A 66 -20.25 8.52 -0.83
C LYS A 66 -20.39 8.20 0.66
N LYS A 67 -19.36 7.59 1.21
CA LYS A 67 -19.35 7.23 2.62
C LYS A 67 -18.39 8.13 3.40
N ALA A 68 -17.51 8.80 2.68
CA ALA A 68 -16.51 9.66 3.31
C ALA A 68 -16.72 11.17 3.19
N THR A 69 -16.14 11.89 4.15
CA THR A 69 -16.16 13.34 4.22
C THR A 69 -14.73 13.71 4.62
N LEU A 70 -14.06 14.49 3.79
CA LEU A 70 -12.69 14.87 4.08
C LEU A 70 -12.52 16.26 4.65
N THR A 71 -11.62 16.36 5.63
CA THR A 71 -11.31 17.64 6.27
C THR A 71 -9.81 17.61 6.58
N ALA A 72 -9.26 18.77 6.93
CA ALA A 72 -7.84 18.85 7.24
C ALA A 72 -7.60 19.96 8.25
N ASP A 73 -6.62 19.75 9.11
CA ASP A 73 -6.24 20.72 10.14
C ASP A 73 -4.83 21.20 9.82
N LYS A 74 -4.72 22.45 9.39
CA LYS A 74 -3.42 23.02 9.04
C LYS A 74 -2.43 23.10 10.20
N SER A 75 -2.89 23.55 11.36
CA SER A 75 -1.99 23.67 12.51
C SER A 75 -1.35 22.35 12.94
N SER A 76 -2.13 21.28 12.93
CA SER A 76 -1.62 19.97 13.33
C SER A 76 -1.17 19.14 12.14
N SER A 77 -1.22 19.72 10.95
CA SER A 77 -0.83 19.03 9.72
C SER A 77 -1.47 17.65 9.65
N THR A 78 -2.76 17.58 9.97
CA THR A 78 -3.46 16.31 9.95
C THR A 78 -4.69 16.33 9.04
N ALA A 79 -4.84 15.28 8.25
CA ALA A 79 -5.97 15.14 7.34
C ALA A 79 -6.90 14.11 7.95
N PHE A 80 -8.21 14.30 7.79
CA PHE A 80 -9.18 13.37 8.36
C PHE A 80 -10.21 12.88 7.34
N MET A 81 -10.67 11.65 7.54
CA MET A 81 -11.70 11.08 6.69
C MET A 81 -12.79 10.50 7.56
N GLN A 82 -13.98 11.10 7.49
CA GLN A 82 -15.12 10.65 8.27
C GLN A 82 -15.94 9.65 7.46
N LEU A 83 -15.93 8.39 7.89
CA LEU A 83 -16.70 7.35 7.23
C LEU A 83 -17.96 7.18 8.08
N SER A 84 -19.13 7.30 7.48
CA SER A 84 -20.36 7.18 8.26
C SER A 84 -21.36 6.13 7.77
N SER A 85 -22.16 5.62 8.70
CA SER A 85 -23.18 4.60 8.42
C SER A 85 -22.58 3.43 7.66
N LEU A 86 -21.53 2.85 8.23
CA LEU A 86 -20.82 1.74 7.61
C LEU A 86 -21.47 0.37 7.74
N THR A 87 -21.14 -0.50 6.78
CA THR A 87 -21.62 -1.87 6.76
C THR A 87 -20.38 -2.73 6.49
N SER A 88 -20.55 -4.05 6.50
CA SER A 88 -19.43 -4.96 6.27
C SER A 88 -18.73 -4.66 4.93
N GLU A 89 -19.46 -4.06 4.01
CA GLU A 89 -18.91 -3.73 2.70
C GLU A 89 -17.83 -2.66 2.84
N ASP A 90 -17.87 -1.93 3.95
CA ASP A 90 -16.90 -0.87 4.21
C ASP A 90 -15.65 -1.37 4.94
N SER A 91 -15.65 -2.65 5.31
CA SER A 91 -14.49 -3.22 5.99
C SER A 91 -13.35 -3.31 4.98
N ALA A 92 -12.23 -2.68 5.30
CA ALA A 92 -11.07 -2.69 4.39
C ALA A 92 -9.93 -1.88 4.99
N VAL A 93 -8.82 -1.86 4.26
CA VAL A 93 -7.66 -1.07 4.67
C VAL A 93 -7.83 0.26 3.93
N TYR A 94 -7.69 1.36 4.65
CA TYR A 94 -7.81 2.69 4.07
C TYR A 94 -6.47 3.39 4.17
N TYR A 95 -5.89 3.71 3.03
CA TYR A 95 -4.60 4.37 2.97
C TYR A 95 -4.74 5.86 2.69
N CYS A 96 -3.82 6.66 3.23
CA CYS A 96 -3.80 8.07 2.88
C CYS A 96 -2.50 8.16 2.10
N ALA A 97 -2.45 9.09 1.16
CA ALA A 97 -1.24 9.25 0.35
C ALA A 97 -1.06 10.71 0.05
N ARG A 98 0.18 11.10 -0.21
CA ARG A 98 0.48 12.50 -0.51
C ARG A 98 0.90 12.68 -1.95
N GLU A 99 0.29 13.68 -2.59
CA GLU A 99 0.55 14.01 -3.98
C GLU A 99 0.98 15.49 -4.01
N ARG A 100 2.12 15.77 -4.63
CA ARG A 100 2.62 17.14 -4.71
C ARG A 100 1.96 17.97 -5.83
N GLY A 101 0.75 17.58 -6.22
CA GLY A 101 0.06 18.31 -7.27
C GLY A 101 0.56 17.98 -8.66
N ASP A 102 1.39 16.95 -8.77
CA ASP A 102 1.92 16.56 -10.06
C ASP A 102 1.47 15.18 -10.55
N GLY A 103 0.40 14.65 -9.96
CA GLY A 103 -0.16 13.39 -10.44
C GLY A 103 0.14 12.03 -9.86
N TYR A 104 1.24 11.90 -9.12
CA TYR A 104 1.58 10.59 -8.57
C TYR A 104 1.66 10.64 -7.05
N PHE A 105 1.49 9.49 -6.43
CA PHE A 105 1.52 9.38 -4.98
C PHE A 105 2.93 9.02 -4.54
N ALA A 106 3.70 10.06 -4.23
CA ALA A 106 5.08 9.89 -3.81
C ALA A 106 5.23 9.07 -2.53
N VAL A 107 4.27 9.21 -1.62
CA VAL A 107 4.34 8.48 -0.36
C VAL A 107 2.97 8.07 0.16
N TRP A 108 2.94 6.91 0.82
CA TRP A 108 1.71 6.35 1.37
C TRP A 108 1.81 6.09 2.87
N GLY A 109 0.67 6.09 3.54
CA GLY A 109 0.63 5.80 4.95
C GLY A 109 0.65 4.29 5.08
N ALA A 110 0.73 3.77 6.29
CA ALA A 110 0.76 2.33 6.51
C ALA A 110 -0.63 1.73 6.38
N GLY A 111 -1.63 2.60 6.39
CA GLY A 111 -3.01 2.16 6.26
C GLY A 111 -3.68 1.81 7.58
N THR A 112 -4.98 2.05 7.62
CA THR A 112 -5.79 1.77 8.79
C THR A 112 -6.76 0.66 8.45
N THR A 113 -6.67 -0.46 9.15
CA THR A 113 -7.58 -1.58 8.89
C THR A 113 -8.88 -1.31 9.64
N VAL A 114 -9.94 -1.08 8.88
CA VAL A 114 -11.25 -0.82 9.46
C VAL A 114 -12.10 -2.08 9.36
N THR A 115 -12.66 -2.50 10.49
CA THR A 115 -13.51 -3.67 10.54
C THR A 115 -14.88 -3.27 11.06
N VAL A 116 -15.92 -3.58 10.29
CA VAL A 116 -17.28 -3.26 10.68
C VAL A 116 -17.92 -4.55 11.21
N SER A 117 -18.05 -4.63 12.53
CA SER A 117 -18.63 -5.81 13.18
C SER A 117 -19.26 -5.46 14.53
N SER A 118 -20.11 -6.35 15.02
CA SER A 118 -20.77 -6.15 16.30
C SER A 118 -19.95 -6.80 17.41
N ALA A 119 -19.06 -7.70 17.00
CA ALA A 119 -18.19 -8.41 17.94
C ALA A 119 -17.41 -7.43 18.78
N LYS A 120 -16.86 -7.91 19.90
CA LYS A 120 -16.10 -7.06 20.80
C LYS A 120 -14.59 -7.23 20.66
N THR A 121 -13.85 -6.17 20.94
CA THR A 121 -12.41 -6.19 20.85
C THR A 121 -11.86 -7.20 21.85
N THR A 122 -10.83 -7.95 21.43
CA THR A 122 -10.23 -8.95 22.29
C THR A 122 -8.73 -9.07 22.04
N PRO A 123 -7.91 -8.78 23.06
CA PRO A 123 -6.46 -8.90 22.87
C PRO A 123 -6.10 -10.37 22.68
N PRO A 124 -4.99 -10.64 21.99
CA PRO A 124 -4.56 -12.02 21.74
C PRO A 124 -3.76 -12.67 22.87
N SER A 125 -3.79 -14.01 22.91
CA SER A 125 -3.05 -14.77 23.89
C SER A 125 -1.85 -15.31 23.10
N VAL A 126 -0.65 -14.98 23.55
CA VAL A 126 0.56 -15.43 22.86
C VAL A 126 1.23 -16.58 23.59
N TYR A 127 1.28 -17.74 22.93
CA TYR A 127 1.90 -18.92 23.50
C TYR A 127 3.17 -19.28 22.74
N PRO A 128 4.18 -19.78 23.46
CA PRO A 128 5.44 -20.15 22.79
C PRO A 128 5.34 -21.48 22.05
N LEU A 129 6.20 -21.65 21.05
CA LEU A 129 6.23 -22.87 20.28
C LEU A 129 7.69 -23.33 20.22
N ALA A 130 8.02 -24.29 21.08
CA ALA A 130 9.37 -24.85 21.15
C ALA A 130 9.32 -26.34 20.85
N PRO A 131 10.38 -26.89 20.24
CA PRO A 131 10.44 -28.31 19.88
C PRO A 131 10.28 -29.24 21.09
N GLY A 132 9.78 -30.43 20.83
CA GLY A 132 9.62 -31.42 21.89
C GLY A 132 10.99 -32.01 22.18
N SER A 133 11.13 -32.68 23.30
CA SER A 133 12.42 -33.26 23.69
C SER A 133 12.89 -34.39 22.77
N ALA A 134 11.98 -34.89 21.93
CA ALA A 134 12.32 -35.99 21.01
C ALA A 134 12.70 -35.48 19.63
N ALA A 135 12.46 -34.20 19.37
CA ALA A 135 12.77 -33.61 18.08
C ALA A 135 14.28 -33.47 17.87
N GLN A 136 14.78 -34.03 16.78
CA GLN A 136 16.20 -33.95 16.45
C GLN A 136 16.42 -32.66 15.68
N THR A 137 17.60 -32.06 15.82
CA THR A 137 17.89 -30.81 15.13
C THR A 137 19.00 -30.94 14.10
N ASN A 138 19.02 -30.01 13.15
CA ASN A 138 20.04 -29.97 12.12
C ASN A 138 20.84 -28.71 12.38
N SER A 139 21.37 -28.09 11.34
CA SER A 139 22.14 -26.87 11.51
C SER A 139 21.20 -25.71 11.86
N MET A 140 19.90 -25.93 11.72
CA MET A 140 18.91 -24.91 12.01
C MET A 140 17.80 -25.45 12.91
N VAL A 141 17.19 -24.56 13.68
CA VAL A 141 16.09 -24.94 14.55
C VAL A 141 14.93 -24.00 14.28
N THR A 142 13.71 -24.53 14.29
CA THR A 142 12.52 -23.71 14.05
C THR A 142 11.70 -23.51 15.30
N LEU A 143 11.43 -22.25 15.63
CA LEU A 143 10.64 -21.87 16.78
C LEU A 143 9.47 -21.02 16.30
N GLY A 144 8.59 -20.64 17.21
CA GLY A 144 7.47 -19.82 16.81
C GLY A 144 6.57 -19.41 17.97
N CYS A 145 5.49 -18.71 17.63
CA CYS A 145 4.54 -18.28 18.65
C CYS A 145 3.13 -18.33 18.09
N LEU A 146 2.21 -18.81 18.92
CA LEU A 146 0.82 -18.94 18.57
C LEU A 146 0.08 -17.74 19.11
N VAL A 147 -0.64 -17.05 18.23
CA VAL A 147 -1.41 -15.86 18.61
C VAL A 147 -2.86 -16.17 18.32
N LYS A 148 -3.65 -16.48 19.37
CA LYS A 148 -5.04 -16.82 19.15
C LYS A 148 -6.05 -16.09 20.02
N GLY A 149 -7.30 -16.10 19.55
CA GLY A 149 -8.39 -15.46 20.28
C GLY A 149 -8.39 -13.95 20.26
N TYR A 150 -8.00 -13.35 19.14
CA TYR A 150 -7.98 -11.89 19.06
C TYR A 150 -8.98 -11.36 18.04
N PHE A 151 -9.35 -10.10 18.22
CA PHE A 151 -10.30 -9.44 17.33
C PHE A 151 -10.28 -7.94 17.59
N PRO A 152 -10.30 -7.13 16.52
CA PRO A 152 -10.36 -7.56 15.12
C PRO A 152 -8.93 -7.59 14.58
N GLU A 153 -8.78 -7.79 13.28
CA GLU A 153 -7.45 -7.78 12.68
C GLU A 153 -6.99 -6.33 12.77
N PRO A 154 -5.68 -6.09 12.67
CA PRO A 154 -4.64 -7.11 12.50
C PRO A 154 -3.75 -7.14 13.74
N VAL A 155 -2.68 -7.92 13.65
CA VAL A 155 -1.67 -8.02 14.69
C VAL A 155 -0.35 -7.98 13.94
N THR A 156 0.66 -7.35 14.52
CA THR A 156 1.97 -7.29 13.90
C THR A 156 2.93 -8.10 14.76
N VAL A 157 3.56 -9.10 14.16
CA VAL A 157 4.48 -9.95 14.89
C VAL A 157 5.90 -9.73 14.42
N THR A 158 6.81 -9.46 15.36
CA THR A 158 8.21 -9.25 15.05
C THR A 158 9.04 -10.14 15.96
N TRP A 159 10.29 -10.38 15.60
CA TRP A 159 11.16 -11.21 16.41
C TRP A 159 12.35 -10.42 16.92
N ASN A 160 12.55 -10.47 18.24
CA ASN A 160 13.63 -9.75 18.91
C ASN A 160 13.54 -8.26 18.60
N SER A 161 12.35 -7.70 18.84
CA SER A 161 12.07 -6.30 18.62
C SER A 161 12.35 -5.84 17.18
N GLY A 162 12.32 -6.79 16.26
CA GLY A 162 12.57 -6.46 14.87
C GLY A 162 13.97 -6.69 14.37
N SER A 163 14.90 -6.95 15.30
CA SER A 163 16.30 -7.18 14.92
C SER A 163 16.47 -8.50 14.18
N LEU A 164 15.55 -9.43 14.41
CA LEU A 164 15.59 -10.75 13.78
C LEU A 164 14.54 -10.77 12.67
N SER A 165 14.99 -10.67 11.42
CA SER A 165 14.09 -10.63 10.27
C SER A 165 14.15 -11.85 9.36
N SER A 166 15.36 -12.28 9.00
CA SER A 166 15.52 -13.43 8.11
C SER A 166 15.01 -14.72 8.74
N GLY A 167 14.41 -15.57 7.90
CA GLY A 167 13.89 -16.84 8.38
C GLY A 167 12.59 -16.73 9.15
N VAL A 168 11.84 -15.66 8.90
CA VAL A 168 10.57 -15.45 9.58
C VAL A 168 9.36 -15.58 8.65
N HIS A 169 8.36 -16.34 9.10
CA HIS A 169 7.12 -16.54 8.34
C HIS A 169 5.94 -16.31 9.26
N THR A 170 5.07 -15.36 8.94
CA THR A 170 3.88 -15.15 9.76
C THR A 170 2.71 -15.53 8.86
N PHE A 171 1.94 -16.52 9.30
CA PHE A 171 0.81 -17.01 8.53
C PHE A 171 -0.45 -16.16 8.61
N PRO A 172 -1.26 -16.16 7.54
CA PRO A 172 -2.50 -15.38 7.50
C PRO A 172 -3.42 -15.90 8.61
N ALA A 173 -4.14 -14.99 9.25
CA ALA A 173 -5.05 -15.37 10.34
C ALA A 173 -6.24 -16.17 9.84
N VAL A 174 -6.80 -16.99 10.73
CA VAL A 174 -7.98 -17.78 10.40
C VAL A 174 -9.09 -17.35 11.36
N LEU A 175 -10.27 -17.11 10.82
CA LEU A 175 -11.40 -16.67 11.62
C LEU A 175 -12.32 -17.83 12.00
N GLN A 176 -12.67 -17.89 13.27
CA GLN A 176 -13.56 -18.92 13.78
C GLN A 176 -14.20 -18.46 15.09
N SER A 177 -15.52 -18.39 15.10
CA SER A 177 -16.26 -17.97 16.29
C SER A 177 -15.93 -16.55 16.74
N ASP A 178 -15.89 -15.62 15.79
CA ASP A 178 -15.61 -14.22 16.07
C ASP A 178 -14.24 -13.95 16.71
N LEU A 179 -13.26 -14.80 16.40
CA LEU A 179 -11.92 -14.64 16.94
C LEU A 179 -10.88 -15.11 15.93
N TYR A 180 -9.78 -14.39 15.82
CA TYR A 180 -8.72 -14.75 14.87
C TYR A 180 -7.57 -15.48 15.55
N THR A 181 -6.87 -16.29 14.76
CA THR A 181 -5.73 -17.05 15.27
C THR A 181 -4.68 -17.18 14.18
N LEU A 182 -3.43 -17.00 14.55
CA LEU A 182 -2.31 -17.13 13.60
C LEU A 182 -1.05 -17.51 14.35
N SER A 183 -0.07 -17.98 13.60
CA SER A 183 1.22 -18.36 14.17
C SER A 183 2.30 -17.73 13.33
N SER A 184 3.46 -17.53 13.94
CA SER A 184 4.60 -16.98 13.25
C SER A 184 5.75 -17.94 13.47
N SER A 185 6.55 -18.13 12.44
CA SER A 185 7.68 -19.04 12.48
C SER A 185 9.01 -18.32 12.32
N VAL A 186 10.02 -18.77 13.05
CA VAL A 186 11.34 -18.18 12.96
C VAL A 186 12.36 -19.31 13.00
N THR A 187 13.37 -19.24 12.14
CA THR A 187 14.40 -20.25 12.07
C THR A 187 15.76 -19.61 12.27
N VAL A 188 16.55 -20.15 13.19
CA VAL A 188 17.88 -19.63 13.48
C VAL A 188 18.86 -20.80 13.60
N PRO A 189 20.17 -20.52 13.53
CA PRO A 189 21.13 -21.61 13.64
C PRO A 189 20.89 -22.33 14.97
N SER A 190 20.82 -23.65 14.93
CA SER A 190 20.58 -24.44 16.13
C SER A 190 21.61 -24.18 17.22
N SER A 191 22.82 -23.80 16.82
CA SER A 191 23.88 -23.54 17.76
C SER A 191 23.74 -22.20 18.47
N SER A 192 22.83 -21.34 17.99
CA SER A 192 22.65 -20.02 18.58
C SER A 192 21.54 -19.95 19.62
N TRP A 193 20.72 -20.99 19.69
CA TRP A 193 19.60 -21.02 20.65
C TRP A 193 19.75 -22.26 21.54
N PRO A 194 19.44 -22.13 22.84
CA PRO A 194 18.97 -20.93 23.54
C PRO A 194 20.07 -20.00 24.07
N SER A 195 21.30 -20.19 23.62
CA SER A 195 22.40 -19.34 24.08
C SER A 195 22.04 -17.89 23.81
N GLU A 196 21.62 -17.61 22.58
CA GLU A 196 21.21 -16.27 22.20
C GLU A 196 19.69 -16.25 22.24
N THR A 197 19.14 -15.37 23.04
CA THR A 197 17.69 -15.26 23.21
C THR A 197 16.88 -15.00 21.94
N VAL A 198 15.67 -15.53 21.93
CA VAL A 198 14.72 -15.38 20.82
C VAL A 198 13.36 -15.09 21.43
N THR A 199 12.81 -13.92 21.14
CA THR A 199 11.52 -13.51 21.68
C THR A 199 10.63 -12.94 20.57
N CYS A 200 9.33 -13.20 20.66
CA CYS A 200 8.42 -12.67 19.65
C CYS A 200 7.64 -11.52 20.29
N ASN A 201 7.42 -10.45 19.52
CA ASN A 201 6.69 -9.30 20.00
C ASN A 201 5.39 -9.22 19.21
N VAL A 202 4.27 -9.21 19.91
CA VAL A 202 2.97 -9.17 19.26
C VAL A 202 2.20 -7.90 19.60
N ALA A 203 1.93 -7.10 18.57
CA ALA A 203 1.20 -5.85 18.75
C ALA A 203 -0.22 -5.98 18.20
N HIS A 204 -1.19 -5.53 18.99
CA HIS A 204 -2.59 -5.57 18.58
C HIS A 204 -3.15 -4.17 18.72
N PRO A 205 -3.03 -3.36 17.64
CA PRO A 205 -3.50 -1.98 17.56
C PRO A 205 -4.89 -1.72 18.13
N ALA A 206 -5.85 -2.55 17.75
CA ALA A 206 -7.23 -2.40 18.21
C ALA A 206 -7.41 -2.38 19.72
N SER A 207 -6.53 -3.08 20.44
CA SER A 207 -6.62 -3.12 21.90
C SER A 207 -5.48 -2.34 22.55
N SER A 208 -4.70 -1.65 21.74
CA SER A 208 -3.58 -0.85 22.23
C SER A 208 -2.65 -1.69 23.10
N THR A 209 -2.47 -2.96 22.73
CA THR A 209 -1.59 -3.83 23.50
C THR A 209 -0.45 -4.40 22.67
N LYS A 210 0.67 -4.64 23.35
CA LYS A 210 1.85 -5.21 22.73
C LYS A 210 2.52 -6.04 23.80
N VAL A 211 2.65 -7.34 23.56
CA VAL A 211 3.26 -8.21 24.55
C VAL A 211 4.42 -9.00 23.97
N ASP A 212 5.33 -9.43 24.85
CA ASP A 212 6.49 -10.20 24.43
C ASP A 212 6.42 -11.59 25.04
N LYS A 213 6.98 -12.56 24.33
CA LYS A 213 7.01 -13.93 24.81
C LYS A 213 8.34 -14.57 24.42
N LYS A 214 9.19 -14.78 25.42
CA LYS A 214 10.49 -15.39 25.18
C LYS A 214 10.29 -16.87 24.85
N ILE A 215 11.09 -17.38 23.91
CA ILE A 215 10.98 -18.78 23.52
C ILE A 215 12.13 -19.57 24.13
N VAL A 216 11.82 -20.36 25.15
CA VAL A 216 12.84 -21.16 25.82
C VAL A 216 12.55 -22.65 25.65
N PRO A 217 13.60 -23.49 25.73
CA PRO A 217 13.38 -24.93 25.58
C PRO A 217 12.41 -25.48 26.64
N ARG A 218 11.71 -26.55 26.29
CA ARG A 218 10.75 -27.15 27.20
C ARG A 218 11.49 -27.83 28.36
N ASP A 219 10.91 -27.72 29.56
CA ASP A 219 11.48 -28.29 30.78
C ASP A 219 12.30 -29.56 30.54
N ASP B 1 -14.45 8.63 -17.33
CA ASP B 1 -13.38 8.10 -16.44
C ASP B 1 -12.53 7.10 -17.20
N ILE B 2 -11.22 7.25 -17.06
CA ILE B 2 -10.27 6.40 -17.77
C ILE B 2 -10.12 5.01 -17.15
N LEU B 3 -10.30 4.00 -17.98
CA LEU B 3 -10.17 2.62 -17.56
C LEU B 3 -8.78 2.11 -17.90
N LEU B 4 -8.09 1.59 -16.90
CA LEU B 4 -6.73 1.06 -17.09
C LEU B 4 -6.82 -0.47 -17.01
N THR B 5 -6.51 -1.13 -18.12
CA THR B 5 -6.55 -2.59 -18.18
C THR B 5 -5.17 -3.22 -18.03
N GLN B 6 -5.01 -4.04 -17.00
CA GLN B 6 -3.75 -4.74 -16.76
C GLN B 6 -3.99 -6.22 -17.01
N SER B 7 -3.47 -6.72 -18.13
CA SER B 7 -3.64 -8.13 -18.49
C SER B 7 -2.34 -8.67 -19.07
N PRO B 8 -1.96 -9.90 -18.70
CA PRO B 8 -2.67 -10.78 -17.76
C PRO B 8 -2.56 -10.35 -16.29
N ALA B 9 -3.44 -10.89 -15.47
CA ALA B 9 -3.49 -10.58 -14.04
C ALA B 9 -2.38 -11.27 -13.25
N ILE B 10 -1.79 -12.31 -13.84
CA ILE B 10 -0.71 -13.04 -13.17
C ILE B 10 0.38 -13.33 -14.19
N LEU B 11 1.63 -13.10 -13.80
CA LEU B 11 2.77 -13.32 -14.67
C LEU B 11 3.75 -14.29 -14.00
N SER B 12 4.00 -15.42 -14.64
CA SER B 12 4.92 -16.43 -14.11
C SER B 12 6.24 -16.39 -14.87
N VAL B 13 7.33 -16.18 -14.15
CA VAL B 13 8.65 -16.10 -14.75
C VAL B 13 9.70 -16.84 -13.94
N SER B 14 10.80 -17.23 -14.59
CA SER B 14 11.88 -17.94 -13.92
C SER B 14 12.90 -16.92 -13.43
N PRO B 15 13.63 -17.27 -12.36
CA PRO B 15 14.65 -16.39 -11.77
C PRO B 15 15.67 -15.82 -12.76
N GLY B 16 15.90 -14.52 -12.69
CA GLY B 16 16.85 -13.86 -13.58
C GLY B 16 16.32 -13.49 -14.95
N GLU B 17 15.12 -13.95 -15.28
CA GLU B 17 14.51 -13.66 -16.57
C GLU B 17 13.91 -12.26 -16.60
N ARG B 18 13.72 -11.71 -17.81
CA ARG B 18 13.15 -10.38 -17.97
C ARG B 18 11.63 -10.50 -18.04
N VAL B 19 10.92 -9.63 -17.32
CA VAL B 19 9.47 -9.68 -17.32
C VAL B 19 8.89 -8.30 -17.66
N SER B 20 7.72 -8.31 -18.30
CA SER B 20 7.05 -7.07 -18.70
C SER B 20 5.58 -7.05 -18.32
N PHE B 21 5.17 -6.01 -17.60
CA PHE B 21 3.77 -5.84 -17.18
C PHE B 21 3.11 -4.88 -18.17
N SER B 22 1.87 -5.18 -18.54
CA SER B 22 1.11 -4.35 -19.47
C SER B 22 0.01 -3.52 -18.83
N CYS B 23 -0.18 -2.31 -19.33
CA CYS B 23 -1.23 -1.41 -18.85
C CYS B 23 -1.75 -0.68 -20.10
N ARG B 24 -3.02 -0.91 -20.42
CA ARG B 24 -3.65 -0.28 -21.58
C ARG B 24 -4.74 0.68 -21.10
N ALA B 25 -4.66 1.94 -21.55
CA ALA B 25 -5.63 2.95 -21.18
C ALA B 25 -6.75 3.02 -22.22
N SER B 26 -7.98 3.26 -21.76
CA SER B 26 -9.15 3.33 -22.63
C SER B 26 -9.10 4.49 -23.62
N GLN B 27 -8.26 5.47 -23.34
CA GLN B 27 -8.07 6.61 -24.24
C GLN B 27 -6.64 7.10 -24.08
N SER B 28 -6.19 7.93 -25.02
CA SER B 28 -4.82 8.44 -24.99
C SER B 28 -4.56 9.35 -23.79
N ILE B 29 -3.53 9.01 -23.02
CA ILE B 29 -3.18 9.78 -21.84
C ILE B 29 -1.72 10.25 -21.84
N GLY B 30 -1.14 10.41 -23.03
CA GLY B 30 0.25 10.84 -23.14
C GLY B 30 1.17 9.93 -22.34
N THR B 31 1.94 10.49 -21.41
CA THR B 31 2.82 9.67 -20.58
C THR B 31 2.45 9.80 -19.11
N ASP B 32 1.19 10.16 -18.86
CA ASP B 32 0.72 10.35 -17.49
C ASP B 32 0.32 9.06 -16.77
N ILE B 33 1.24 8.12 -16.76
CA ILE B 33 1.01 6.84 -16.10
C ILE B 33 2.13 6.63 -15.07
N HIS B 34 1.77 6.07 -13.92
CA HIS B 34 2.73 5.83 -12.83
C HIS B 34 2.55 4.39 -12.34
N TRP B 35 3.65 3.76 -11.92
CA TRP B 35 3.62 2.37 -11.44
C TRP B 35 3.97 2.22 -9.96
N TYR B 36 3.22 1.33 -9.29
CA TYR B 36 3.41 1.06 -7.87
C TYR B 36 3.58 -0.42 -7.62
N GLN B 37 4.40 -0.74 -6.63
CA GLN B 37 4.65 -2.12 -6.23
C GLN B 37 4.05 -2.29 -4.84
N GLN B 38 3.31 -3.37 -4.62
CA GLN B 38 2.75 -3.62 -3.31
C GLN B 38 3.00 -5.08 -2.94
N ARG B 39 3.88 -5.28 -1.96
CA ARG B 39 4.20 -6.61 -1.47
C ARG B 39 3.13 -7.04 -0.48
N THR B 40 3.05 -8.34 -0.21
CA THR B 40 2.09 -8.87 0.73
C THR B 40 2.17 -8.09 2.04
N ASN B 41 1.02 -7.66 2.54
CA ASN B 41 0.93 -6.91 3.79
C ASN B 41 1.70 -5.59 3.83
N GLY B 42 2.01 -5.03 2.67
CA GLY B 42 2.73 -3.76 2.66
C GLY B 42 1.92 -2.68 1.95
N SER B 43 2.36 -1.44 2.08
CA SER B 43 1.65 -0.35 1.41
C SER B 43 2.24 -0.17 0.01
N PRO B 44 1.49 0.46 -0.91
CA PRO B 44 2.04 0.65 -2.26
C PRO B 44 3.31 1.49 -2.22
N ARG B 45 4.20 1.26 -3.17
CA ARG B 45 5.47 1.96 -3.27
C ARG B 45 5.68 2.41 -4.72
N LEU B 46 5.87 3.72 -4.93
CA LEU B 46 6.08 4.25 -6.27
C LEU B 46 7.38 3.74 -6.89
N LEU B 47 7.29 3.20 -8.11
CA LEU B 47 8.44 2.64 -8.81
C LEU B 47 8.89 3.48 -10.00
N ILE B 48 7.93 3.89 -10.80
CA ILE B 48 8.20 4.67 -12.01
C ILE B 48 7.14 5.78 -12.12
N LYS B 49 7.56 6.97 -12.52
CA LYS B 49 6.60 8.05 -12.69
C LYS B 49 6.64 8.54 -14.13
N TYR B 50 5.52 9.08 -14.58
CA TYR B 50 5.38 9.57 -15.95
C TYR B 50 5.93 8.58 -16.97
N ALA B 51 5.44 7.35 -16.88
CA ALA B 51 5.75 6.25 -17.77
C ALA B 51 7.18 5.70 -17.82
N SER B 52 8.18 6.57 -17.67
CA SER B 52 9.56 6.08 -17.75
C SER B 52 10.55 6.71 -16.78
N GLU B 53 10.12 7.68 -15.98
CA GLU B 53 11.03 8.35 -15.06
C GLU B 53 11.39 7.56 -13.82
N SER B 54 12.69 7.42 -13.60
CA SER B 54 13.22 6.69 -12.45
C SER B 54 12.95 7.42 -11.15
N ILE B 55 12.83 6.62 -10.08
CA ILE B 55 12.59 7.14 -8.75
C ILE B 55 13.84 6.77 -7.93
N SER B 56 14.38 7.73 -7.20
CA SER B 56 15.57 7.47 -6.39
C SER B 56 15.28 6.42 -5.33
N GLY B 57 16.14 5.40 -5.24
CA GLY B 57 15.95 4.36 -4.26
C GLY B 57 15.44 3.06 -4.86
N ILE B 58 14.94 3.13 -6.10
CA ILE B 58 14.43 1.96 -6.79
C ILE B 58 15.55 1.34 -7.63
N PRO B 59 15.72 0.00 -7.54
CA PRO B 59 16.76 -0.70 -8.29
C PRO B 59 16.71 -0.38 -9.79
N SER B 60 17.88 -0.21 -10.40
CA SER B 60 18.00 0.10 -11.82
C SER B 60 17.31 -0.98 -12.65
N ARG B 61 17.06 -2.11 -12.01
CA ARG B 61 16.39 -3.26 -12.59
C ARG B 61 15.04 -2.89 -13.20
N PHE B 62 14.38 -1.90 -12.60
CA PHE B 62 13.07 -1.44 -13.06
C PHE B 62 13.10 -0.32 -14.10
N SER B 63 12.29 -0.47 -15.15
CA SER B 63 12.21 0.56 -16.18
C SER B 63 10.79 0.60 -16.73
N GLY B 64 10.43 1.70 -17.37
CA GLY B 64 9.10 1.83 -17.93
C GLY B 64 9.16 2.41 -19.32
N SER B 65 8.14 2.16 -20.12
CA SER B 65 8.10 2.68 -21.47
C SER B 65 6.67 2.80 -21.99
N GLY B 66 6.51 3.50 -23.11
CA GLY B 66 5.20 3.67 -23.69
C GLY B 66 4.66 5.08 -23.60
N SER B 67 3.62 5.33 -24.39
CA SER B 67 2.94 6.62 -24.43
C SER B 67 1.62 6.37 -25.16
N GLY B 68 0.66 7.26 -24.96
CA GLY B 68 -0.63 7.12 -25.61
C GLY B 68 -1.57 6.22 -24.83
N THR B 69 -1.75 4.99 -25.30
CA THR B 69 -2.65 4.04 -24.65
C THR B 69 -1.95 2.77 -24.18
N ASP B 70 -0.73 2.53 -24.64
CA ASP B 70 -0.02 1.31 -24.27
C ASP B 70 1.23 1.56 -23.46
N PHE B 71 1.27 1.00 -22.25
CA PHE B 71 2.41 1.18 -21.36
C PHE B 71 2.95 -0.14 -20.84
N THR B 72 4.24 -0.13 -20.54
CA THR B 72 4.91 -1.33 -20.05
C THR B 72 5.86 -1.03 -18.90
N LEU B 73 5.83 -1.90 -17.89
CA LEU B 73 6.74 -1.81 -16.75
C LEU B 73 7.62 -3.04 -16.92
N SER B 74 8.93 -2.85 -17.02
CA SER B 74 9.81 -4.01 -17.19
C SER B 74 10.80 -4.20 -16.05
N ILE B 75 11.07 -5.46 -15.73
CA ILE B 75 12.03 -5.79 -14.69
C ILE B 75 13.11 -6.64 -15.36
N ASN B 76 14.33 -6.14 -15.36
CA ASN B 76 15.44 -6.87 -15.97
C ASN B 76 15.99 -7.81 -14.90
N SER B 77 15.99 -9.11 -15.19
CA SER B 77 16.51 -10.10 -14.24
C SER B 77 15.71 -10.07 -12.93
N VAL B 78 14.58 -10.75 -12.91
CA VAL B 78 13.73 -10.79 -11.73
C VAL B 78 14.32 -11.62 -10.60
N GLU B 79 14.04 -11.20 -9.36
CA GLU B 79 14.50 -11.92 -8.19
C GLU B 79 13.38 -11.96 -7.17
N SER B 80 13.54 -12.79 -6.14
CA SER B 80 12.53 -12.97 -5.10
C SER B 80 11.88 -11.72 -4.54
N GLU B 81 12.67 -10.70 -4.25
CA GLU B 81 12.12 -9.46 -3.69
C GLU B 81 11.11 -8.79 -4.62
N ASP B 82 11.12 -9.17 -5.90
CA ASP B 82 10.19 -8.57 -6.84
C ASP B 82 8.80 -9.17 -6.79
N ILE B 83 8.65 -10.29 -6.07
CA ILE B 83 7.34 -10.91 -5.95
C ILE B 83 6.41 -9.94 -5.23
N ALA B 84 5.33 -9.56 -5.90
CA ALA B 84 4.36 -8.60 -5.36
C ALA B 84 3.29 -8.31 -6.41
N ASN B 85 2.38 -7.40 -6.08
CA ASN B 85 1.32 -6.98 -6.99
C ASN B 85 1.79 -5.64 -7.55
N TYR B 86 1.56 -5.41 -8.85
CA TYR B 86 1.97 -4.17 -9.49
C TYR B 86 0.76 -3.47 -10.08
N TYR B 87 0.62 -2.17 -9.79
CA TYR B 87 -0.51 -1.39 -10.28
C TYR B 87 -0.08 -0.17 -11.08
N CYS B 88 -0.85 0.17 -12.11
CA CYS B 88 -0.58 1.39 -12.85
C CYS B 88 -1.65 2.38 -12.42
N GLN B 89 -1.40 3.67 -12.62
CA GLN B 89 -2.32 4.71 -12.22
C GLN B 89 -2.17 5.89 -13.18
N GLN B 90 -3.29 6.48 -13.60
CA GLN B 90 -3.22 7.61 -14.53
C GLN B 90 -3.58 8.93 -13.89
N SER B 91 -2.93 9.99 -14.36
CA SER B 91 -3.20 11.32 -13.83
C SER B 91 -3.45 12.31 -14.98
N ASN B 92 -3.82 11.79 -16.14
CA ASN B 92 -4.08 12.67 -17.29
C ASN B 92 -5.41 13.39 -17.19
N ARG B 93 -6.44 12.68 -16.73
CA ARG B 93 -7.77 13.24 -16.58
C ARG B 93 -8.39 12.94 -15.21
N TRP B 94 -9.26 13.83 -14.76
CA TRP B 94 -9.93 13.64 -13.48
C TRP B 94 -11.11 12.70 -13.68
N PRO B 95 -11.29 11.73 -12.78
CA PRO B 95 -10.46 11.49 -11.60
C PRO B 95 -9.32 10.53 -11.87
N PHE B 96 -8.30 10.56 -11.00
CA PHE B 96 -7.19 9.64 -11.13
C PHE B 96 -7.81 8.26 -10.98
N THR B 97 -7.27 7.28 -11.68
CA THR B 97 -7.79 5.91 -11.61
C THR B 97 -6.63 4.93 -11.57
N PHE B 98 -6.90 3.73 -11.08
CA PHE B 98 -5.92 2.65 -10.95
C PHE B 98 -6.26 1.46 -11.83
N GLY B 99 -5.23 0.73 -12.27
CA GLY B 99 -5.45 -0.47 -13.04
C GLY B 99 -5.81 -1.54 -12.01
N SER B 100 -6.29 -2.70 -12.45
CA SER B 100 -6.69 -3.77 -11.54
C SER B 100 -5.55 -4.57 -10.92
N GLY B 101 -4.32 -4.30 -11.35
CA GLY B 101 -3.17 -4.98 -10.79
C GLY B 101 -2.75 -6.30 -11.41
N THR B 102 -1.44 -6.53 -11.44
CA THR B 102 -0.86 -7.77 -11.96
C THR B 102 0.08 -8.34 -10.90
N LYS B 103 -0.08 -9.64 -10.63
CA LYS B 103 0.75 -10.35 -9.65
C LYS B 103 1.95 -11.01 -10.32
N LEU B 104 3.13 -10.84 -9.73
CA LEU B 104 4.33 -11.46 -10.26
C LEU B 104 4.62 -12.73 -9.46
N GLU B 105 4.77 -13.83 -10.18
CA GLU B 105 5.03 -15.13 -9.58
C GLU B 105 6.33 -15.65 -10.16
N ILE B 106 7.14 -16.32 -9.34
CA ILE B 106 8.41 -16.84 -9.80
C ILE B 106 8.44 -18.36 -9.79
N LYS B 107 8.95 -18.95 -10.87
CA LYS B 107 9.04 -20.39 -11.00
C LYS B 107 10.46 -20.85 -10.63
N ARG B 108 10.62 -21.29 -9.39
CA ARG B 108 11.92 -21.76 -8.91
C ARG B 108 12.00 -23.28 -8.88
N ALA B 109 13.14 -23.79 -8.41
CA ALA B 109 13.35 -25.23 -8.31
C ALA B 109 12.49 -25.82 -7.20
N ASP B 110 12.01 -27.04 -7.41
CA ASP B 110 11.18 -27.70 -6.40
C ASP B 110 11.96 -27.84 -5.11
N ALA B 111 11.25 -27.78 -3.98
CA ALA B 111 11.89 -27.89 -2.68
C ALA B 111 10.96 -28.61 -1.69
N ALA B 112 11.50 -29.63 -1.04
CA ALA B 112 10.74 -30.38 -0.05
C ALA B 112 10.49 -29.48 1.15
N PRO B 113 9.36 -29.66 1.85
CA PRO B 113 9.07 -28.82 3.01
C PRO B 113 9.83 -29.26 4.27
N THR B 114 10.11 -28.29 5.14
CA THR B 114 10.77 -28.56 6.41
C THR B 114 9.60 -28.64 7.38
N VAL B 115 9.39 -29.81 7.96
CA VAL B 115 8.27 -30.00 8.88
C VAL B 115 8.66 -29.95 10.35
N SER B 116 7.87 -29.23 11.14
CA SER B 116 8.10 -29.09 12.58
C SER B 116 6.77 -29.24 13.30
N ILE B 117 6.77 -30.03 14.37
CA ILE B 117 5.55 -30.21 15.15
C ILE B 117 5.80 -29.65 16.55
N PHE B 118 4.80 -28.97 17.10
CA PHE B 118 4.93 -28.36 18.42
C PHE B 118 3.83 -28.72 19.38
N PRO B 119 4.19 -29.25 20.56
CA PRO B 119 3.20 -29.63 21.57
C PRO B 119 2.59 -28.35 22.13
N PRO B 120 1.36 -28.41 22.66
CA PRO B 120 0.77 -27.20 23.22
C PRO B 120 1.59 -26.71 24.42
N SER B 121 1.62 -25.40 24.62
CA SER B 121 2.38 -24.82 25.73
C SER B 121 1.72 -25.05 27.08
N SER B 122 2.51 -24.96 28.14
CA SER B 122 1.99 -25.15 29.49
C SER B 122 1.02 -24.00 29.79
N GLU B 123 1.38 -22.81 29.33
CA GLU B 123 0.55 -21.63 29.54
C GLU B 123 -0.85 -21.83 28.97
N GLN B 124 -0.92 -22.41 27.78
CA GLN B 124 -2.21 -22.64 27.15
C GLN B 124 -2.99 -23.72 27.90
N LEU B 125 -2.32 -24.83 28.20
CA LEU B 125 -2.98 -25.93 28.91
C LEU B 125 -3.61 -25.41 30.20
N THR B 126 -2.94 -24.47 30.86
CA THR B 126 -3.44 -23.89 32.10
C THR B 126 -4.80 -23.23 31.90
N SER B 127 -5.04 -22.71 30.70
CA SER B 127 -6.31 -22.05 30.41
C SER B 127 -7.35 -23.03 29.88
N GLY B 128 -7.08 -24.32 30.02
CA GLY B 128 -8.02 -25.34 29.58
C GLY B 128 -8.07 -25.56 28.09
N GLY B 129 -7.01 -25.16 27.39
CA GLY B 129 -6.96 -25.34 25.95
C GLY B 129 -5.71 -26.07 25.49
N ALA B 130 -5.78 -26.69 24.31
CA ALA B 130 -4.64 -27.42 23.78
C ALA B 130 -4.54 -27.31 22.26
N SER B 131 -3.51 -26.63 21.79
CA SER B 131 -3.29 -26.45 20.36
C SER B 131 -1.97 -27.08 19.93
N VAL B 132 -2.06 -28.01 18.99
CA VAL B 132 -0.87 -28.67 18.46
C VAL B 132 -0.62 -28.01 17.11
N VAL B 133 0.55 -27.42 16.94
CA VAL B 133 0.89 -26.73 15.70
C VAL B 133 1.94 -27.43 14.86
N CYS B 134 1.72 -27.44 13.56
CA CYS B 134 2.64 -28.07 12.62
C CYS B 134 3.02 -27.08 11.52
N PHE B 135 4.32 -26.88 11.32
CA PHE B 135 4.80 -25.99 10.28
C PHE B 135 5.38 -26.78 9.11
N LEU B 136 4.94 -26.46 7.91
CA LEU B 136 5.44 -27.07 6.68
C LEU B 136 6.05 -25.84 6.00
N ASN B 137 7.36 -25.65 6.19
CA ASN B 137 8.02 -24.47 5.67
C ASN B 137 8.93 -24.56 4.46
N ASN B 138 8.93 -23.47 3.70
CA ASN B 138 9.76 -23.28 2.52
C ASN B 138 9.77 -24.40 1.48
N PHE B 139 8.59 -24.70 0.94
CA PHE B 139 8.48 -25.74 -0.07
C PHE B 139 8.04 -25.14 -1.41
N TYR B 140 8.13 -25.93 -2.47
CA TYR B 140 7.74 -25.51 -3.81
C TYR B 140 7.71 -26.72 -4.73
N PRO B 141 6.65 -26.86 -5.56
CA PRO B 141 5.47 -26.00 -5.72
C PRO B 141 4.57 -25.83 -4.51
N LYS B 142 3.59 -24.94 -4.63
CA LYS B 142 2.67 -24.62 -3.54
C LYS B 142 1.72 -25.74 -3.14
N ASP B 143 1.44 -26.65 -4.08
CA ASP B 143 0.54 -27.76 -3.80
C ASP B 143 1.11 -28.68 -2.72
N ILE B 144 0.34 -28.90 -1.67
CA ILE B 144 0.80 -29.76 -0.59
C ILE B 144 -0.39 -30.20 0.25
N ASN B 145 -0.25 -31.36 0.89
CA ASN B 145 -1.32 -31.89 1.73
C ASN B 145 -0.78 -32.32 3.10
N VAL B 146 -1.55 -32.03 4.13
CA VAL B 146 -1.16 -32.38 5.49
C VAL B 146 -2.20 -33.30 6.11
N LYS B 147 -1.72 -34.29 6.87
CA LYS B 147 -2.60 -35.25 7.51
C LYS B 147 -2.26 -35.39 8.99
N TRP B 148 -3.29 -35.36 9.83
CA TRP B 148 -3.09 -35.50 11.26
C TRP B 148 -3.46 -36.90 11.72
N LYS B 149 -2.73 -37.39 12.73
CA LYS B 149 -2.99 -38.70 13.30
C LYS B 149 -2.82 -38.64 14.81
N ILE B 150 -3.80 -39.19 15.52
CA ILE B 150 -3.74 -39.24 16.98
C ILE B 150 -3.76 -40.71 17.35
N ASP B 151 -2.76 -41.15 18.08
CA ASP B 151 -2.64 -42.55 18.47
C ASP B 151 -2.77 -43.46 17.27
N GLY B 152 -2.18 -43.04 16.15
CA GLY B 152 -2.21 -43.84 14.94
C GLY B 152 -3.42 -43.72 14.04
N SER B 153 -4.48 -43.08 14.51
CA SER B 153 -5.69 -42.92 13.69
C SER B 153 -5.85 -41.51 13.13
N GLU B 154 -6.11 -41.42 11.82
CA GLU B 154 -6.30 -40.14 11.15
C GLU B 154 -7.35 -39.28 11.84
N ARG B 155 -7.00 -38.02 12.05
CA ARG B 155 -7.90 -37.06 12.69
C ARG B 155 -8.22 -35.95 11.68
N GLN B 156 -9.47 -35.47 11.70
CA GLN B 156 -9.86 -34.42 10.77
C GLN B 156 -10.56 -33.24 11.45
N ASN B 157 -11.22 -33.51 12.58
CA ASN B 157 -11.92 -32.47 13.32
C ASN B 157 -10.96 -31.58 14.11
N GLY B 158 -11.28 -30.29 14.14
CA GLY B 158 -10.47 -29.34 14.88
C GLY B 158 -9.19 -28.89 14.18
N VAL B 159 -9.07 -29.17 12.89
CA VAL B 159 -7.88 -28.79 12.14
C VAL B 159 -8.12 -27.58 11.23
N LEU B 160 -7.28 -26.57 11.38
CA LEU B 160 -7.35 -25.35 10.58
C LEU B 160 -5.99 -25.11 9.91
N ASN B 161 -6.01 -24.88 8.60
CA ASN B 161 -4.79 -24.65 7.85
C ASN B 161 -4.70 -23.22 7.33
N SER B 162 -3.48 -22.78 7.07
CA SER B 162 -3.22 -21.44 6.56
C SER B 162 -1.98 -21.51 5.67
N TRP B 163 -2.07 -20.91 4.50
CA TRP B 163 -0.96 -20.91 3.56
C TRP B 163 -0.50 -19.46 3.36
N THR B 164 0.81 -19.28 3.22
CA THR B 164 1.35 -17.94 2.98
C THR B 164 1.35 -17.73 1.47
N ASP B 165 1.52 -16.50 1.04
CA ASP B 165 1.60 -16.21 -0.39
C ASP B 165 3.07 -16.51 -0.70
N GLN B 166 3.46 -16.48 -1.96
CA GLN B 166 4.84 -16.77 -2.27
C GLN B 166 5.75 -15.79 -1.53
N ASP B 167 6.81 -16.34 -0.93
CA ASP B 167 7.76 -15.56 -0.14
C ASP B 167 8.72 -14.73 -0.99
N SER B 168 8.81 -13.44 -0.68
CA SER B 168 9.70 -12.54 -1.42
C SER B 168 11.16 -12.71 -1.02
N LYS B 169 11.43 -13.69 -0.15
CA LYS B 169 12.80 -13.94 0.27
C LYS B 169 13.45 -15.07 -0.53
N ASP B 170 12.72 -16.16 -0.76
CA ASP B 170 13.26 -17.29 -1.51
C ASP B 170 12.30 -17.92 -2.54
N SER B 171 11.19 -17.24 -2.80
CA SER B 171 10.20 -17.72 -3.77
C SER B 171 9.51 -19.03 -3.39
N THR B 172 9.58 -19.42 -2.13
CA THR B 172 8.94 -20.66 -1.68
C THR B 172 7.60 -20.35 -1.01
N TYR B 173 6.90 -21.40 -0.61
CA TYR B 173 5.63 -21.27 0.08
C TYR B 173 5.76 -21.96 1.44
N SER B 174 4.84 -21.65 2.34
CA SER B 174 4.83 -22.28 3.66
C SER B 174 3.38 -22.44 4.10
N MET B 175 3.13 -23.41 4.96
CA MET B 175 1.78 -23.65 5.45
C MET B 175 1.80 -24.06 6.90
N SER B 176 0.77 -23.67 7.64
CA SER B 176 0.68 -24.04 9.04
C SER B 176 -0.61 -24.84 9.21
N SER B 177 -0.55 -25.87 10.04
CA SER B 177 -1.72 -26.70 10.31
C SER B 177 -1.86 -26.75 11.81
N THR B 178 -3.02 -26.35 12.31
CA THR B 178 -3.25 -26.32 13.74
C THR B 178 -4.41 -27.19 14.21
N LEU B 179 -4.08 -28.18 15.04
CA LEU B 179 -5.09 -29.08 15.61
C LEU B 179 -5.41 -28.58 17.00
N THR B 180 -6.63 -28.07 17.18
CA THR B 180 -7.04 -27.55 18.47
C THR B 180 -8.02 -28.48 19.17
N LEU B 181 -7.70 -28.85 20.41
CA LEU B 181 -8.53 -29.74 21.21
C LEU B 181 -8.65 -29.16 22.61
N THR B 182 -9.64 -29.64 23.36
CA THR B 182 -9.80 -29.17 24.74
C THR B 182 -8.71 -29.88 25.53
N LYS B 183 -8.33 -29.31 26.67
CA LYS B 183 -7.30 -29.91 27.50
C LYS B 183 -7.66 -31.36 27.78
N ASP B 184 -8.91 -31.59 28.16
CA ASP B 184 -9.41 -32.93 28.45
C ASP B 184 -9.17 -33.89 27.28
N GLU B 185 -9.63 -33.49 26.10
CA GLU B 185 -9.46 -34.30 24.90
C GLU B 185 -7.99 -34.62 24.68
N TYR B 186 -7.15 -33.59 24.81
CA TYR B 186 -5.72 -33.73 24.63
C TYR B 186 -5.12 -34.70 25.65
N GLU B 187 -5.64 -34.65 26.87
CA GLU B 187 -5.17 -35.50 27.96
C GLU B 187 -5.37 -36.99 27.76
N ARG B 188 -6.42 -37.37 27.04
CA ARG B 188 -6.69 -38.79 26.82
C ARG B 188 -6.24 -39.31 25.47
N HIS B 189 -5.01 -38.94 25.10
CA HIS B 189 -4.38 -39.36 23.85
C HIS B 189 -2.87 -39.26 24.06
N ASN B 190 -2.14 -40.24 23.55
CA ASN B 190 -0.69 -40.26 23.72
C ASN B 190 0.12 -39.54 22.65
N SER B 191 0.15 -40.10 21.45
CA SER B 191 0.92 -39.51 20.37
C SER B 191 0.11 -38.71 19.35
N TYR B 192 0.75 -37.67 18.82
CA TYR B 192 0.15 -36.81 17.82
C TYR B 192 1.17 -36.73 16.69
N THR B 193 0.71 -36.89 15.46
CA THR B 193 1.61 -36.85 14.32
C THR B 193 1.10 -35.98 13.17
N CYS B 194 2.03 -35.31 12.50
CA CYS B 194 1.72 -34.45 11.38
C CYS B 194 2.42 -35.07 10.17
N GLU B 195 1.67 -35.34 9.10
CA GLU B 195 2.25 -35.94 7.91
C GLU B 195 2.07 -35.03 6.70
N ALA B 196 3.18 -34.70 6.04
CA ALA B 196 3.13 -33.84 4.87
C ALA B 196 3.44 -34.59 3.58
N THR B 197 2.56 -34.44 2.60
CA THR B 197 2.76 -35.10 1.31
C THR B 197 3.01 -34.04 0.25
N HIS B 198 4.20 -34.08 -0.35
CA HIS B 198 4.60 -33.12 -1.37
C HIS B 198 5.15 -33.87 -2.57
N LYS B 199 5.01 -33.27 -3.76
CA LYS B 199 5.48 -33.91 -4.99
C LYS B 199 6.97 -34.19 -5.00
N THR B 200 7.71 -33.58 -4.09
CA THR B 200 9.15 -33.78 -4.02
C THR B 200 9.52 -35.15 -3.46
N SER B 201 8.52 -35.89 -2.99
CA SER B 201 8.77 -37.22 -2.45
C SER B 201 7.52 -38.10 -2.46
N THR B 202 7.68 -39.34 -2.88
CA THR B 202 6.57 -40.28 -2.93
C THR B 202 6.17 -40.68 -1.52
N SER B 203 7.10 -40.53 -0.60
CA SER B 203 6.88 -40.86 0.81
C SER B 203 6.57 -39.58 1.58
N PRO B 204 5.64 -39.65 2.55
CA PRO B 204 5.30 -38.47 3.34
C PRO B 204 6.36 -38.16 4.39
N ILE B 205 6.49 -36.88 4.74
CA ILE B 205 7.44 -36.47 5.76
C ILE B 205 6.59 -36.42 7.03
N VAL B 206 6.97 -37.19 8.04
CA VAL B 206 6.19 -37.23 9.27
C VAL B 206 6.95 -36.77 10.51
N LYS B 207 6.26 -36.02 11.35
CA LYS B 207 6.82 -35.53 12.60
C LYS B 207 5.76 -35.78 13.65
N SER B 208 6.18 -36.18 14.84
CA SER B 208 5.24 -36.46 15.91
C SER B 208 5.91 -36.36 17.26
N PHE B 209 5.10 -36.48 18.31
CA PHE B 209 5.59 -36.41 19.67
C PHE B 209 4.57 -37.12 20.56
N ASN B 210 5.03 -37.56 21.72
CA ASN B 210 4.17 -38.23 22.69
C ASN B 210 3.93 -37.29 23.86
N ARG B 211 2.68 -37.17 24.27
CA ARG B 211 2.31 -36.29 25.38
C ARG B 211 3.10 -36.57 26.65
N ASN B 212 3.44 -37.84 26.87
CA ASN B 212 4.19 -38.23 28.06
C ASN B 212 5.65 -37.76 27.99
N SER C 22 13.31 56.73 -13.57
CA SER C 22 12.92 56.40 -14.97
C SER C 22 11.53 56.92 -15.31
N ALA C 23 11.23 57.06 -16.60
CA ALA C 23 9.94 57.55 -17.06
C ALA C 23 8.79 56.64 -16.66
N LEU C 24 7.57 57.19 -16.64
CA LEU C 24 6.38 56.44 -16.28
C LEU C 24 6.15 55.18 -17.12
N HIS C 25 6.21 55.30 -18.44
CA HIS C 25 5.96 54.14 -19.29
C HIS C 25 6.88 52.96 -19.02
N TRP C 26 8.13 53.23 -18.65
CA TRP C 26 9.05 52.14 -18.36
C TRP C 26 8.72 51.51 -17.01
N ARG C 27 8.32 52.34 -16.04
CA ARG C 27 7.97 51.83 -14.72
C ARG C 27 6.71 50.99 -14.85
N ALA C 28 5.76 51.49 -15.62
CA ALA C 28 4.50 50.78 -15.84
C ALA C 28 4.73 49.44 -16.53
N ALA C 29 5.65 49.41 -17.49
CA ALA C 29 5.97 48.19 -18.21
C ALA C 29 6.54 47.15 -17.24
N GLY C 30 7.49 47.58 -16.41
CA GLY C 30 8.10 46.69 -15.45
C GLY C 30 7.04 46.14 -14.52
N ALA C 31 6.21 47.03 -14.01
CA ALA C 31 5.14 46.66 -13.08
C ALA C 31 4.20 45.66 -13.75
N ALA C 32 3.85 45.92 -15.00
CA ALA C 32 2.94 45.04 -15.74
C ALA C 32 3.51 43.65 -15.84
N THR C 33 4.83 43.56 -16.02
CA THR C 33 5.50 42.27 -16.15
C THR C 33 5.42 41.50 -14.84
N VAL C 34 5.66 42.20 -13.73
CA VAL C 34 5.61 41.58 -12.43
C VAL C 34 4.19 41.10 -12.13
N LEU C 35 3.22 41.96 -12.43
CA LEU C 35 1.82 41.61 -12.19
C LEU C 35 1.43 40.41 -13.04
N LEU C 36 1.87 40.37 -14.29
CA LEU C 36 1.52 39.25 -15.17
C LEU C 36 2.09 37.95 -14.58
N VAL C 37 3.33 37.98 -14.11
CA VAL C 37 3.92 36.79 -13.52
C VAL C 37 3.09 36.31 -12.33
N ILE C 38 2.62 37.26 -11.54
CA ILE C 38 1.79 36.92 -10.38
C ILE C 38 0.48 36.27 -10.81
N VAL C 39 -0.12 36.82 -11.86
CA VAL C 39 -1.37 36.29 -12.39
C VAL C 39 -1.17 34.88 -12.98
N LEU C 40 -0.04 34.65 -13.63
CA LEU C 40 0.22 33.33 -14.21
C LEU C 40 0.34 32.29 -13.10
N LEU C 41 1.07 32.63 -12.04
CA LEU C 41 1.23 31.71 -10.92
C LEU C 41 -0.08 31.49 -10.18
N ALA C 42 -0.79 32.58 -9.90
CA ALA C 42 -2.07 32.47 -9.20
C ALA C 42 -3.10 31.75 -10.07
N GLY C 43 -3.09 32.06 -11.36
CA GLY C 43 -4.02 31.43 -12.28
C GLY C 43 -3.80 29.93 -12.36
N SER C 44 -2.54 29.50 -12.34
CA SER C 44 -2.21 28.09 -12.41
C SER C 44 -2.72 27.36 -11.17
N TYR C 45 -2.52 27.96 -10.00
CA TYR C 45 -2.97 27.36 -8.74
C TYR C 45 -4.50 27.27 -8.73
N LEU C 46 -5.16 28.37 -9.08
CA LEU C 46 -6.61 28.43 -9.07
C LEU C 46 -7.27 27.56 -10.13
N ALA C 47 -6.61 27.40 -11.26
CA ALA C 47 -7.13 26.57 -12.34
C ALA C 47 -7.22 25.11 -11.88
N VAL C 48 -6.17 24.63 -11.22
CA VAL C 48 -6.19 23.25 -10.75
C VAL C 48 -7.29 23.10 -9.70
N LEU C 49 -7.40 24.09 -8.83
CA LEU C 49 -8.40 24.08 -7.77
C LEU C 49 -9.82 24.03 -8.35
N ALA C 50 -10.02 24.81 -9.41
CA ALA C 50 -11.34 24.86 -10.05
C ALA C 50 -11.66 23.63 -10.89
N GLU C 51 -10.65 23.06 -11.56
CA GLU C 51 -10.88 21.93 -12.44
C GLU C 51 -10.92 20.53 -11.84
N ARG C 52 -10.17 20.27 -10.76
CA ARG C 52 -10.24 18.95 -10.14
C ARG C 52 -11.67 18.80 -9.64
N GLY C 53 -12.26 17.62 -9.83
CA GLY C 53 -13.62 17.40 -9.40
C GLY C 53 -14.54 17.41 -10.60
N ALA C 54 -14.02 17.79 -11.76
CA ALA C 54 -14.82 17.80 -12.99
C ALA C 54 -14.36 16.64 -13.88
N PRO C 55 -15.20 15.59 -14.00
CA PRO C 55 -14.89 14.42 -14.81
C PRO C 55 -14.43 14.77 -16.21
N GLY C 56 -13.25 14.28 -16.58
CA GLY C 56 -12.72 14.57 -17.90
C GLY C 56 -11.75 15.74 -17.98
N ALA C 57 -11.72 16.59 -16.95
CA ALA C 57 -10.82 17.74 -16.93
C ALA C 57 -9.33 17.32 -17.03
N GLN C 58 -8.54 18.12 -17.74
CA GLN C 58 -7.11 17.86 -17.92
C GLN C 58 -6.18 18.90 -17.27
N LEU C 59 -6.74 20.05 -16.92
CA LEU C 59 -5.97 21.14 -16.32
C LEU C 59 -5.97 20.85 -14.82
N ILE C 60 -5.33 19.74 -14.45
CA ILE C 60 -5.35 19.29 -13.06
C ILE C 60 -4.05 19.06 -12.30
N THR C 61 -2.91 19.40 -12.89
CA THR C 61 -1.63 19.30 -12.19
C THR C 61 -0.96 20.64 -12.43
N TYR C 62 -0.21 21.12 -11.45
CA TYR C 62 0.40 22.44 -11.54
C TYR C 62 1.40 22.74 -12.63
N PRO C 63 2.34 21.82 -12.91
CA PRO C 63 3.30 22.14 -13.96
C PRO C 63 2.61 22.44 -15.31
N ARG C 64 1.71 21.57 -15.76
CA ARG C 64 1.06 21.84 -17.04
C ARG C 64 0.06 23.00 -16.94
N ALA C 65 -0.45 23.28 -15.74
CA ALA C 65 -1.38 24.39 -15.58
C ALA C 65 -0.60 25.70 -15.76
N LEU C 66 0.65 25.72 -15.33
CA LEU C 66 1.47 26.92 -15.50
C LEU C 66 1.71 27.12 -17.01
N TRP C 67 1.98 26.03 -17.71
CA TRP C 67 2.19 26.08 -19.15
C TRP C 67 0.91 26.58 -19.83
N TRP C 68 -0.23 26.08 -19.37
CA TRP C 68 -1.52 26.52 -19.93
C TRP C 68 -1.72 28.02 -19.71
N SER C 69 -1.37 28.50 -18.53
CA SER C 69 -1.55 29.93 -18.23
C SER C 69 -0.72 30.80 -19.17
N VAL C 70 0.48 30.34 -19.50
CA VAL C 70 1.33 31.10 -20.40
C VAL C 70 0.76 31.13 -21.82
N GLU C 71 0.39 29.97 -22.38
CA GLU C 71 -0.15 29.95 -23.74
C GLU C 71 -1.50 30.62 -23.85
N THR C 72 -2.12 30.89 -22.70
CA THR C 72 -3.40 31.58 -22.66
C THR C 72 -3.14 33.08 -22.58
N ALA C 73 -2.21 33.49 -21.73
CA ALA C 73 -1.86 34.90 -21.60
C ALA C 73 -1.30 35.49 -22.89
N THR C 74 -0.60 34.67 -23.68
CA THR C 74 -0.01 35.13 -24.92
C THR C 74 -1.05 35.00 -26.04
N THR C 75 -2.18 34.44 -25.65
CA THR C 75 -3.30 34.16 -26.52
C THR C 75 -2.94 33.14 -27.60
N VAL C 76 -1.96 32.28 -27.37
CA VAL C 76 -1.63 31.27 -28.39
C VAL C 76 -2.67 30.16 -28.44
N GLY C 77 -3.13 29.68 -27.29
CA GLY C 77 -4.17 28.65 -27.24
C GLY C 77 -4.10 27.40 -28.09
N TYR C 78 -3.04 26.62 -27.97
CA TYR C 78 -2.91 25.42 -28.79
C TYR C 78 -4.08 24.47 -28.72
N GLY C 79 -4.77 24.43 -27.59
CA GLY C 79 -5.88 23.53 -27.47
C GLY C 79 -5.46 22.22 -26.82
N ASP C 80 -4.20 22.13 -26.38
CA ASP C 80 -3.74 20.92 -25.74
C ASP C 80 -4.35 20.86 -24.34
N LEU C 81 -4.60 22.02 -23.76
CA LEU C 81 -5.18 22.12 -22.42
C LEU C 81 -6.13 23.29 -22.35
N TYR C 82 -7.23 23.13 -21.63
CA TYR C 82 -8.18 24.23 -21.45
C TYR C 82 -9.18 23.87 -20.35
N PRO C 83 -9.78 24.88 -19.71
CA PRO C 83 -10.76 24.65 -18.64
C PRO C 83 -12.13 24.22 -19.13
N VAL C 84 -12.80 23.38 -18.33
CA VAL C 84 -14.13 22.92 -18.68
C VAL C 84 -15.16 23.42 -17.66
N THR C 85 -14.71 23.92 -16.53
CA THR C 85 -15.63 24.40 -15.50
C THR C 85 -15.84 25.92 -15.52
N LEU C 86 -16.92 26.36 -14.89
CA LEU C 86 -17.24 27.79 -14.81
C LEU C 86 -16.13 28.62 -14.17
N TRP C 87 -15.66 28.19 -13.01
CA TRP C 87 -14.61 28.93 -12.32
C TRP C 87 -13.26 28.84 -13.04
N GLY C 88 -12.99 27.71 -13.69
CA GLY C 88 -11.74 27.57 -14.43
C GLY C 88 -11.74 28.52 -15.62
N ARG C 89 -12.90 28.67 -16.25
CA ARG C 89 -13.03 29.55 -17.38
C ARG C 89 -12.94 31.00 -16.93
N CYS C 90 -13.47 31.30 -15.75
CA CYS C 90 -13.38 32.66 -15.22
C CYS C 90 -11.90 32.98 -14.97
N VAL C 91 -11.19 32.02 -14.40
CA VAL C 91 -9.76 32.20 -14.15
C VAL C 91 -9.08 32.46 -15.49
N ALA C 92 -9.49 31.68 -16.50
CA ALA C 92 -8.92 31.82 -17.84
C ALA C 92 -9.11 33.24 -18.40
N VAL C 93 -10.30 33.81 -18.25
CA VAL C 93 -10.55 35.15 -18.75
C VAL C 93 -9.65 36.19 -18.09
N VAL C 94 -9.40 36.02 -16.79
CA VAL C 94 -8.54 36.94 -16.06
C VAL C 94 -7.11 36.85 -16.63
N VAL C 95 -6.65 35.63 -16.87
CA VAL C 95 -5.31 35.39 -17.42
C VAL C 95 -5.19 36.01 -18.82
N MET C 96 -6.21 35.81 -19.65
CA MET C 96 -6.23 36.36 -21.00
C MET C 96 -6.13 37.89 -20.97
N VAL C 97 -7.02 38.52 -20.23
CA VAL C 97 -7.03 39.98 -20.12
C VAL C 97 -5.72 40.54 -19.59
N ALA C 98 -5.16 39.87 -18.60
CA ALA C 98 -3.90 40.32 -18.02
C ALA C 98 -2.79 40.24 -19.07
N GLY C 99 -2.74 39.14 -19.82
CA GLY C 99 -1.70 39.02 -20.82
C GLY C 99 -1.86 40.05 -21.92
N ILE C 100 -3.06 40.16 -22.47
CA ILE C 100 -3.33 41.11 -23.55
C ILE C 100 -3.01 42.55 -23.12
N THR C 101 -3.50 42.95 -21.97
CA THR C 101 -3.25 44.30 -21.47
C THR C 101 -1.78 44.56 -21.17
N SER C 102 -1.08 43.57 -20.61
CA SER C 102 0.33 43.72 -20.28
C SER C 102 1.18 43.90 -21.53
N PHE C 103 0.98 43.03 -22.51
CA PHE C 103 1.75 43.17 -23.74
C PHE C 103 1.36 44.44 -24.49
N GLY C 104 0.09 44.83 -24.39
CA GLY C 104 -0.35 46.04 -25.06
C GLY C 104 0.31 47.24 -24.44
N LEU C 105 0.50 47.18 -23.12
CA LEU C 105 1.14 48.26 -22.39
C LEU C 105 2.61 48.40 -22.81
N VAL C 106 3.25 47.29 -23.13
CA VAL C 106 4.65 47.33 -23.56
C VAL C 106 4.70 48.05 -24.90
N THR C 107 3.72 47.78 -25.76
CA THR C 107 3.63 48.42 -27.06
C THR C 107 3.46 49.93 -26.89
N ALA C 108 2.60 50.31 -25.94
CA ALA C 108 2.33 51.72 -25.67
C ALA C 108 3.58 52.42 -25.17
N ALA C 109 4.36 51.72 -24.35
CA ALA C 109 5.60 52.29 -23.83
C ALA C 109 6.62 52.47 -24.96
N LEU C 110 6.67 51.51 -25.87
CA LEU C 110 7.60 51.60 -27.00
C LEU C 110 7.23 52.79 -27.87
N ALA C 111 5.94 52.97 -28.12
CA ALA C 111 5.45 54.08 -28.94
C ALA C 111 5.83 55.42 -28.29
N THR C 112 5.71 55.49 -26.97
CA THR C 112 6.04 56.72 -26.24
C THR C 112 7.53 57.02 -26.40
N TRP C 113 8.36 55.99 -26.28
CA TRP C 113 9.79 56.12 -26.43
C TRP C 113 10.11 56.63 -27.84
N PHE C 114 9.48 56.02 -28.85
CA PHE C 114 9.71 56.42 -30.25
C PHE C 114 9.25 57.85 -30.53
N VAL C 115 8.10 58.22 -29.98
CA VAL C 115 7.55 59.56 -30.19
C VAL C 115 8.49 60.60 -29.59
N GLY C 116 8.98 60.31 -28.39
CA GLY C 116 9.89 61.24 -27.74
C GLY C 116 11.18 61.42 -28.53
N ARG C 117 11.72 60.31 -29.02
CA ARG C 117 12.95 60.36 -29.81
C ARG C 117 12.76 61.12 -31.11
N GLU C 118 11.60 60.96 -31.75
CA GLU C 118 11.36 61.66 -33.01
C GLU C 118 11.22 63.16 -32.76
N GLN C 119 10.58 63.53 -31.66
CA GLN C 119 10.42 64.94 -31.33
C GLN C 119 11.80 65.58 -31.23
N GLU C 120 12.71 64.92 -30.52
CA GLU C 120 14.07 65.40 -30.35
C GLU C 120 14.78 65.52 -31.69
N ARG C 121 14.71 64.45 -32.47
CA ARG C 121 15.34 64.39 -33.78
C ARG C 121 14.86 65.53 -34.67
N ARG C 122 13.64 66.02 -34.41
CA ARG C 122 13.09 67.12 -35.19
C ARG C 122 13.43 68.46 -34.56
N GLY C 123 14.05 68.41 -33.39
CA GLY C 123 14.42 69.64 -32.71
C GLY C 123 13.18 70.38 -32.23
N HIS C 124 12.16 69.62 -31.84
CA HIS C 124 10.92 70.20 -31.36
C HIS C 124 10.90 70.14 -29.84
C1 F09 D . -11.04 33.67 -10.00
C2 F09 D . -12.17 32.72 -9.59
C3 F09 D . -12.11 32.33 -8.10
C4 F09 D . -10.97 31.34 -7.79
C5 F09 D . -11.36 29.88 -8.03
C6 F09 D . -12.24 29.33 -6.91
C7 F09 D . -12.53 27.86 -7.07
C8 F09 D . -13.34 27.36 -5.88
C9 F09 D . -13.70 25.87 -6.01
OXT F09 D . -14.46 25.48 -6.91
K K E . -6.26 25.43 -31.33
K K F . -5.42 28.90 -31.17
K K G . -4.74 31.79 -31.02
K K H . -3.89 35.23 -30.86
K K I . -7.22 21.34 -31.52
K K J . -7.93 18.47 -31.66
O11 L2C K . -18.54 25.39 -17.30
C11 L2C K . -19.74 25.62 -17.46
C12 L2C K . -20.15 26.83 -18.39
C13 L2C K . -19.26 28.02 -18.03
C14 L2C K . -19.46 29.31 -18.83
C15 L2C K . -18.29 30.24 -18.51
C16 L2C K . -18.50 31.68 -18.94
C17 L2C K . -17.32 32.54 -18.48
C18 L2C K . -17.57 34.02 -18.70
C19 L2C K . -16.45 34.87 -18.10
O21 L2C K . -25.03 27.87 -14.34
C21 L2C K . -24.02 27.85 -15.05
C22 L2C K . -23.17 29.10 -15.19
C23 L2C K . -23.88 30.19 -15.97
C24 L2C K . -22.84 31.07 -16.67
C25 L2C K . -23.16 32.15 -17.50
C26 L2C K . -24.61 32.59 -17.82
C27 L2C K . -25.25 31.82 -18.99
C28 L2C K . -24.82 32.31 -20.36
C29 L2C K . -25.64 33.51 -20.80
C30 L2C K . -25.22 33.96 -22.19
C31 L2C K . -26.18 35.00 -22.79
C32 L2C K . -27.50 34.40 -23.22
C41 L2C K . -22.34 26.24 -15.65
O41 L2C K . -23.71 26.70 -15.83
C42 L2C K . -22.17 24.97 -16.48
O42 L2C K . -20.74 24.60 -16.82
C43 L2C K . -22.83 23.85 -15.64
O43 L2C K . -23.14 22.70 -16.42
N1 TBA L . -2.62 40.43 -30.60
C11 TBA L . -1.48 41.23 -31.03
C12 TBA L . -0.53 40.46 -31.94
C21 TBA L . -3.25 39.76 -31.75
C22 TBA L . -3.76 40.79 -32.76
C31 TBA L . -3.60 41.32 -29.96
C32 TBA L . -4.83 40.55 -29.50
C41 TBA L . -2.21 39.40 -29.62
C42 TBA L . -1.59 40.05 -28.39
C13 TBA L . 0.25 39.38 -31.19
C14 TBA L . 1.23 38.66 -32.12
C23 TBA L . -4.41 40.10 -33.96
C24 TBA L . -4.91 41.13 -34.98
C33 TBA L . -5.85 41.49 -28.84
C34 TBA L . -7.09 40.73 -28.38
C43 TBA L . -1.14 38.98 -27.38
C44 TBA L . -0.53 39.62 -26.14
#